data_4BB2
#
_entry.id   4BB2
#
_cell.length_a   89.190
_cell.length_b   122.700
_cell.length_c   81.930
_cell.angle_alpha   90.00
_cell.angle_beta   90.00
_cell.angle_gamma   90.00
#
_symmetry.space_group_name_H-M   'C 2 2 21'
#
loop_
_entity.id
_entity.type
_entity.pdbx_description
1 polymer 'CORTICOSTEROID-BINDING GLOBULIN'
2 polymer 'CORTICOSTEROID-BINDING GLOBULIN'
3 non-polymer 1,2-ETHANEDIOL
4 non-polymer CYSTEINE
5 non-polymer PROGESTERONE
6 water water
#
loop_
_entity_poly.entity_id
_entity_poly.type
_entity_poly.pdbx_seq_one_letter_code
_entity_poly.pdbx_strand_id
1 'polypeptide(L)'
;GSNHHRGLASANVDFAFSLYKHLVALSPKKNIFISPVSISMALAMLSLGTCGHTRAQLLQGLGFNLTERSETEIHQGFQH
LHQLFAKSDTSLEMTMGNALFLDGSLELLESFSADIAHYYESEVLAMNFQDWATASRQINSYVKNKTQGKIVDLFSGLDS
PAILVLVNYIFFKGTWTQPFDLASTREENFYVDETTVVKVPMMLQSSTISYLHDSELPCQLVQMNYVGNGTVFFILPDKG
KMNTVIAALSRDTINRWSAGLTSSQVDLYIPKVTISGVYDLGDVLEEMGIADLFTNQANFSRITQDAQLKSSKVVHKAVL
QLNEEGVDTAGSTGVTLNLT
;
A
2 'polypeptide(L)' SKPIILRFNQPFIIMIFDHFTWSSLFLARVMNPV B
#
loop_
_chem_comp.id
_chem_comp.type
_chem_comp.name
_chem_comp.formula
EDO non-polymer 1,2-ETHANEDIOL 'C2 H6 O2'
STR non-polymer PROGESTERONE 'C21 H30 O2'
#
# COMPACT_ATOMS: atom_id res chain seq x y z
N HIS A 4 -18.29 -5.89 -9.10
CA HIS A 4 -18.65 -4.68 -8.29
C HIS A 4 -17.42 -3.80 -8.11
N HIS A 5 -17.60 -2.49 -8.37
CA HIS A 5 -16.47 -1.55 -8.50
C HIS A 5 -16.08 -0.82 -7.19
N ARG A 6 -16.89 0.17 -6.79
CA ARG A 6 -16.46 1.19 -5.83
C ARG A 6 -17.03 1.15 -4.39
N GLY A 7 -17.66 0.03 -4.02
CA GLY A 7 -18.33 -0.09 -2.72
C GLY A 7 -17.51 0.19 -1.47
N LEU A 8 -16.24 -0.20 -1.46
CA LEU A 8 -15.42 0.07 -0.29
C LEU A 8 -14.26 1.00 -0.56
N ALA A 9 -14.40 1.82 -1.59
CA ALA A 9 -13.41 2.83 -1.91
C ALA A 9 -13.26 3.81 -0.76
N SER A 10 -14.39 4.35 -0.30
CA SER A 10 -14.38 5.36 0.74
C SER A 10 -13.71 4.87 2.01
N ALA A 11 -14.03 3.65 2.44
CA ALA A 11 -13.41 3.08 3.63
C ALA A 11 -11.93 2.81 3.43
N ASN A 12 -11.57 2.15 2.34
CA ASN A 12 -10.18 1.78 2.07
C ASN A 12 -9.26 2.96 1.88
N VAL A 13 -9.77 3.99 1.21
CA VAL A 13 -8.97 5.20 0.98
C VAL A 13 -8.84 5.99 2.28
N ASP A 14 -9.87 6.01 3.11
CA ASP A 14 -9.74 6.61 4.46
C ASP A 14 -8.67 5.88 5.27
N PHE A 15 -8.71 4.56 5.21
CA PHE A 15 -7.72 3.76 5.90
C PHE A 15 -6.33 4.05 5.35
N ALA A 16 -6.23 4.09 4.01
CA ALA A 16 -4.99 4.41 3.32
C ALA A 16 -4.40 5.72 3.83
N PHE A 17 -5.16 6.80 3.76
CA PHE A 17 -4.65 8.11 4.19
C PHE A 17 -4.28 8.13 5.66
N SER A 18 -5.11 7.51 6.48
CA SER A 18 -4.91 7.43 7.92
C SER A 18 -3.60 6.72 8.24
N LEU A 19 -3.43 5.53 7.68
CA LEU A 19 -2.24 4.74 7.90
C LEU A 19 -0.98 5.50 7.49
N TYR A 20 -1.06 6.15 6.33
CA TYR A 20 0.02 6.92 5.78
C TYR A 20 0.39 8.06 6.72
N LYS A 21 -0.61 8.81 7.18
CA LYS A 21 -0.40 9.90 8.12
C LYS A 21 0.24 9.43 9.41
N HIS A 22 -0.21 8.28 9.92
CA HIS A 22 0.41 7.72 11.13
C HIS A 22 1.84 7.25 10.86
N LEU A 23 2.06 6.63 9.72
CA LEU A 23 3.40 6.18 9.32
C LEU A 23 4.38 7.35 9.19
N VAL A 24 3.91 8.44 8.60
CA VAL A 24 4.69 9.67 8.40
C VAL A 24 5.06 10.36 9.73
N ALA A 25 4.13 10.39 10.68
CA ALA A 25 4.38 10.98 12.00
C ALA A 25 5.40 10.19 12.82
N LEU A 26 5.55 8.90 12.49
CA LEU A 26 6.50 8.02 13.21
C LEU A 26 7.85 7.87 12.50
N SER A 27 8.21 8.83 11.64
CA SER A 27 9.46 8.80 10.87
C SER A 27 9.71 10.16 10.22
N PRO A 28 10.61 10.96 10.81
CA PRO A 28 10.81 12.34 10.34
C PRO A 28 11.41 12.50 8.93
N LYS A 29 12.40 11.69 8.58
CA LYS A 29 13.23 12.01 7.42
C LYS A 29 13.32 10.88 6.38
N LYS A 30 12.58 9.81 6.57
CA LYS A 30 12.73 8.67 5.66
C LYS A 30 11.67 8.61 4.54
N ASN A 31 12.07 8.04 3.40
CA ASN A 31 11.14 7.71 2.36
C ASN A 31 10.07 6.79 2.92
N ILE A 32 8.82 7.07 2.59
CA ILE A 32 7.77 6.09 2.82
C ILE A 32 7.21 5.60 1.51
N PHE A 33 7.05 4.29 1.43
CA PHE A 33 6.33 3.72 0.32
C PHE A 33 5.53 2.50 0.77
N ILE A 34 4.22 2.55 0.56
CA ILE A 34 3.31 1.48 0.98
C ILE A 34 2.25 1.17 -0.08
N SER A 35 1.72 -0.04 -0.04
CA SER A 35 0.53 -0.39 -0.79
C SER A 35 -0.63 -0.57 0.16
N PRO A 36 -1.48 0.46 0.29
CA PRO A 36 -2.60 0.40 1.23
C PRO A 36 -3.58 -0.71 0.91
N VAL A 37 -3.91 -0.91 -0.37
CA VAL A 37 -4.89 -1.94 -0.76
C VAL A 37 -4.45 -3.35 -0.35
N SER A 38 -3.14 -3.56 -0.27
CA SER A 38 -2.58 -4.83 0.15
C SER A 38 -2.77 -5.01 1.65
N ILE A 39 -2.62 -3.92 2.39
CA ILE A 39 -2.78 -4.02 3.83
C ILE A 39 -4.24 -4.26 4.15
N SER A 40 -5.13 -3.56 3.45
CA SER A 40 -6.57 -3.67 3.66
C SER A 40 -7.05 -5.07 3.37
N MET A 41 -6.59 -5.63 2.25
CA MET A 41 -6.99 -6.98 1.85
C MET A 41 -6.45 -8.04 2.81
N ALA A 42 -5.23 -7.83 3.31
CA ALA A 42 -4.62 -8.77 4.25
C ALA A 42 -5.40 -8.80 5.56
N LEU A 43 -5.74 -7.61 6.05
CA LEU A 43 -6.43 -7.50 7.33
C LEU A 43 -7.89 -7.92 7.24
N ALA A 44 -8.49 -7.70 6.07
CA ALA A 44 -9.89 -8.09 5.86
C ALA A 44 -9.99 -9.60 5.87
N MET A 45 -9.04 -10.26 5.22
CA MET A 45 -8.96 -11.70 5.23
C MET A 45 -8.76 -12.23 6.65
N LEU A 46 -7.83 -11.63 7.39
CA LEU A 46 -7.57 -12.00 8.76
C LEU A 46 -8.83 -11.92 9.64
N SER A 47 -9.69 -10.94 9.38
CA SER A 47 -10.90 -10.76 10.20
C SER A 47 -11.87 -11.92 10.03
N LEU A 48 -11.72 -12.67 8.94
CA LEU A 48 -12.52 -13.84 8.69
C LEU A 48 -12.40 -14.88 9.84
N GLY A 49 -11.26 -14.84 10.53
CA GLY A 49 -11.03 -15.76 11.63
C GLY A 49 -11.33 -15.17 12.99
N THR A 50 -11.78 -13.90 13.01
CA THR A 50 -11.97 -13.19 14.26
C THR A 50 -13.42 -13.13 14.72
N CYS A 51 -13.58 -12.93 16.03
CA CYS A 51 -14.88 -12.81 16.68
C CYS A 51 -14.84 -11.70 17.71
N GLY A 52 -16.01 -11.37 18.25
CA GLY A 52 -16.12 -10.46 19.38
C GLY A 52 -15.49 -9.10 19.21
N HIS A 53 -14.96 -8.58 20.31
CA HIS A 53 -14.31 -7.28 20.32
C HIS A 53 -13.17 -7.23 19.29
N THR A 54 -12.39 -8.30 19.19
CA THR A 54 -11.32 -8.43 18.17
C THR A 54 -11.83 -8.13 16.75
N ARG A 55 -12.93 -8.79 16.35
CA ARG A 55 -13.51 -8.57 15.02
C ARG A 55 -13.98 -7.13 14.80
N ALA A 56 -14.88 -6.66 15.66
CA ALA A 56 -15.48 -5.33 15.54
C ALA A 56 -14.43 -4.21 15.47
N GLN A 57 -13.41 -4.35 16.31
CA GLN A 57 -12.33 -3.38 16.42
C GLN A 57 -11.51 -3.34 15.12
N LEU A 58 -11.16 -4.51 14.60
CA LEU A 58 -10.43 -4.63 13.34
C LEU A 58 -11.20 -4.08 12.14
N LEU A 59 -12.46 -4.48 11.97
CA LEU A 59 -13.25 -3.97 10.83
C LEU A 59 -13.46 -2.44 10.91
N GLN A 60 -13.66 -1.92 12.12
CA GLN A 60 -13.77 -0.45 12.31
C GLN A 60 -12.44 0.28 12.04
N GLY A 61 -11.33 -0.28 12.52
CA GLY A 61 -10.03 0.25 12.20
C GLY A 61 -9.71 0.23 10.72
N LEU A 62 -10.31 -0.71 9.97
CA LEU A 62 -10.14 -0.75 8.51
C LEU A 62 -11.00 0.27 7.78
N GLY A 63 -11.82 1.02 8.53
CA GLY A 63 -12.61 2.13 7.99
C GLY A 63 -14.08 1.84 7.83
N PHE A 64 -14.50 0.64 8.22
CA PHE A 64 -15.89 0.24 8.01
C PHE A 64 -16.82 0.63 9.15
N ASN A 65 -18.00 1.11 8.79
CA ASN A 65 -19.07 1.37 9.72
C ASN A 65 -19.92 0.12 9.74
N LEU A 66 -19.86 -0.62 10.85
CA LEU A 66 -20.59 -1.87 10.97
C LEU A 66 -22.10 -1.73 11.21
N THR A 67 -22.58 -0.50 11.42
CA THR A 67 -24.02 -0.29 11.58
C THR A 67 -24.72 -0.04 10.24
N GLU A 68 -23.91 0.10 9.17
CA GLU A 68 -24.44 0.43 7.84
C GLU A 68 -24.03 -0.57 6.75
N ARG A 69 -23.08 -1.46 7.08
CA ARG A 69 -22.72 -2.56 6.18
C ARG A 69 -22.23 -3.79 6.95
N SER A 70 -22.81 -4.94 6.62
CA SER A 70 -22.46 -6.21 7.27
C SER A 70 -21.05 -6.67 6.94
N GLU A 71 -20.57 -7.63 7.73
CA GLU A 71 -19.30 -8.28 7.49
C GLU A 71 -19.31 -8.95 6.11
N THR A 72 -20.43 -9.59 5.77
CA THR A 72 -20.59 -10.27 4.49
C THR A 72 -20.37 -9.30 3.31
N GLU A 73 -21.03 -8.15 3.36
CA GLU A 73 -20.92 -7.10 2.33
C GLU A 73 -19.48 -6.61 2.13
N ILE A 74 -18.73 -6.50 3.22
CA ILE A 74 -17.34 -6.09 3.17
C ILE A 74 -16.52 -7.16 2.46
N HIS A 75 -16.73 -8.42 2.81
CA HIS A 75 -15.95 -9.50 2.21
C HIS A 75 -16.26 -9.72 0.74
N GLN A 76 -17.53 -9.59 0.36
CA GLN A 76 -17.93 -9.56 -1.04
C GLN A 76 -17.28 -8.41 -1.81
N GLY A 77 -17.16 -7.26 -1.17
CA GLY A 77 -16.47 -6.13 -1.79
C GLY A 77 -15.00 -6.44 -2.04
N PHE A 78 -14.34 -7.04 -1.05
CA PHE A 78 -12.96 -7.41 -1.27
C PHE A 78 -12.84 -8.49 -2.33
N GLN A 79 -13.84 -9.36 -2.42
CA GLN A 79 -13.88 -10.40 -3.45
C GLN A 79 -13.94 -9.76 -4.84
N HIS A 80 -14.81 -8.77 -4.99
CA HIS A 80 -14.99 -8.12 -6.26
C HIS A 80 -13.78 -7.31 -6.65
N LEU A 81 -13.13 -6.71 -5.65
CA LEU A 81 -11.84 -6.07 -5.87
C LEU A 81 -10.82 -7.06 -6.44
N HIS A 82 -10.66 -8.16 -5.74
CA HIS A 82 -9.71 -9.20 -6.12
C HIS A 82 -9.92 -9.72 -7.54
N GLN A 83 -11.18 -9.98 -7.90
CA GLN A 83 -11.52 -10.45 -9.24
C GLN A 83 -11.09 -9.42 -10.27
N LEU A 84 -11.40 -8.14 -10.03
CA LEU A 84 -11.05 -7.08 -10.97
C LEU A 84 -9.55 -6.92 -11.22
N PHE A 85 -8.74 -7.10 -10.17
CA PHE A 85 -7.29 -7.02 -10.33
C PHE A 85 -6.70 -8.32 -10.92
N ALA A 86 -6.83 -9.42 -10.19
CA ALA A 86 -6.45 -10.74 -10.70
C ALA A 86 -7.46 -11.22 -11.73
N LEU A 92 -0.61 -1.86 -18.36
CA LEU A 92 -0.34 -3.13 -19.01
C LEU A 92 -0.50 -4.36 -18.12
N GLU A 93 -0.17 -4.24 -16.82
CA GLU A 93 -0.13 -5.43 -15.95
C GLU A 93 -0.33 -5.20 -14.44
N MET A 94 -1.29 -5.92 -13.89
CA MET A 94 -1.67 -5.80 -12.50
C MET A 94 -2.04 -7.18 -11.96
N THR A 95 -1.45 -7.53 -10.83
CA THR A 95 -1.83 -8.77 -10.16
C THR A 95 -1.84 -8.66 -8.64
N MET A 96 -2.78 -9.39 -8.05
CA MET A 96 -3.04 -9.32 -6.62
C MET A 96 -3.51 -10.69 -6.15
N GLY A 97 -2.93 -11.18 -5.06
CA GLY A 97 -3.27 -12.51 -4.58
C GLY A 97 -3.06 -12.75 -3.11
N ASN A 98 -3.69 -13.79 -2.59
CA ASN A 98 -3.65 -14.09 -1.15
C ASN A 98 -3.20 -15.52 -0.93
N ALA A 99 -2.38 -15.73 0.10
CA ALA A 99 -1.98 -17.08 0.48
C ALA A 99 -2.05 -17.25 1.99
N LEU A 100 -2.30 -18.50 2.40
CA LEU A 100 -2.29 -18.92 3.80
C LEU A 100 -1.29 -20.08 3.95
N PHE A 101 -0.27 -19.87 4.79
CA PHE A 101 0.74 -20.87 5.07
C PHE A 101 0.45 -21.44 6.43
N LEU A 102 0.34 -22.75 6.50
CA LEU A 102 -0.24 -23.41 7.64
C LEU A 102 0.67 -24.51 8.18
N ASP A 103 0.83 -24.56 9.50
CA ASP A 103 1.51 -25.68 10.13
C ASP A 103 0.67 -26.95 10.04
N GLY A 104 1.34 -28.10 9.92
CA GLY A 104 0.66 -29.40 9.89
C GLY A 104 -0.11 -29.71 11.16
N SER A 105 0.28 -29.10 12.27
CA SER A 105 -0.38 -29.29 13.57
C SER A 105 -1.65 -28.42 13.75
N LEU A 106 -2.11 -27.76 12.70
CA LEU A 106 -3.26 -26.88 12.82
C LEU A 106 -4.38 -27.23 11.86
N GLU A 107 -5.47 -27.76 12.40
CA GLU A 107 -6.66 -28.04 11.61
C GLU A 107 -7.55 -26.80 11.55
N LEU A 108 -7.69 -26.21 10.36
CA LEU A 108 -8.58 -25.08 10.17
C LEU A 108 -10.03 -25.51 10.22
N LEU A 109 -10.89 -24.64 10.75
CA LEU A 109 -12.32 -24.88 10.69
C LEU A 109 -12.75 -24.82 9.23
N GLU A 110 -13.65 -25.73 8.86
CA GLU A 110 -14.16 -25.82 7.50
C GLU A 110 -14.79 -24.51 6.99
N SER A 111 -15.65 -23.89 7.80
CA SER A 111 -16.27 -22.63 7.39
C SER A 111 -15.23 -21.52 7.14
N PHE A 112 -14.14 -21.52 7.91
CA PHE A 112 -13.02 -20.60 7.66
C PHE A 112 -12.34 -20.88 6.32
N SER A 113 -12.02 -22.15 6.06
CA SER A 113 -11.47 -22.58 4.77
C SER A 113 -12.43 -22.22 3.65
N ALA A 114 -13.72 -22.42 3.89
CA ALA A 114 -14.73 -22.07 2.91
C ALA A 114 -14.70 -20.57 2.60
N ASP A 115 -14.60 -19.74 3.63
CA ASP A 115 -14.63 -18.28 3.47
C ASP A 115 -13.42 -17.71 2.76
N ILE A 116 -12.22 -18.13 3.17
CA ILE A 116 -11.00 -17.65 2.51
C ILE A 116 -10.93 -18.08 1.04
N ALA A 117 -11.51 -19.23 0.74
CA ALA A 117 -11.58 -19.71 -0.64
C ALA A 117 -12.61 -18.89 -1.41
N HIS A 118 -13.77 -18.68 -0.79
CA HIS A 118 -14.87 -17.99 -1.44
C HIS A 118 -14.51 -16.53 -1.68
N TYR A 119 -14.16 -15.81 -0.63
CA TYR A 119 -13.99 -14.35 -0.72
C TYR A 119 -12.62 -13.88 -1.21
N TYR A 120 -11.56 -14.60 -0.83
CA TYR A 120 -10.19 -14.13 -1.03
C TYR A 120 -9.37 -14.97 -1.99
N GLU A 121 -9.99 -16.04 -2.49
CA GLU A 121 -9.32 -17.05 -3.31
C GLU A 121 -7.91 -17.37 -2.83
N SER A 122 -7.80 -17.58 -1.52
CA SER A 122 -6.52 -17.84 -0.90
C SER A 122 -5.98 -19.22 -1.27
N GLU A 123 -4.69 -19.28 -1.59
CA GLU A 123 -4.00 -20.56 -1.63
C GLU A 123 -3.80 -21.05 -0.18
N VAL A 124 -3.81 -22.36 0.01
CA VAL A 124 -3.57 -22.93 1.34
C VAL A 124 -2.41 -23.90 1.20
N LEU A 125 -1.33 -23.58 1.90
CA LEU A 125 -0.06 -24.26 1.70
C LEU A 125 0.41 -24.76 3.05
N ALA A 126 0.50 -26.08 3.17
CA ALA A 126 0.87 -26.69 4.43
C ALA A 126 2.39 -26.76 4.57
N MET A 127 2.92 -25.97 5.50
CA MET A 127 4.33 -25.99 5.85
C MET A 127 4.64 -26.51 7.24
N ASN A 128 5.93 -26.71 7.50
CA ASN A 128 6.41 -27.09 8.82
C ASN A 128 7.12 -25.89 9.45
N PHE A 129 6.48 -25.29 10.44
CA PHE A 129 7.01 -24.09 11.09
C PHE A 129 8.00 -24.36 12.23
N GLN A 130 8.23 -25.63 12.54
CA GLN A 130 9.24 -26.01 13.55
C GLN A 130 10.64 -25.51 13.16
N ASP A 131 10.90 -25.42 11.86
CA ASP A 131 12.15 -24.88 11.33
C ASP A 131 11.85 -23.55 10.65
N TRP A 132 11.75 -22.49 11.44
CA TRP A 132 11.40 -21.17 10.94
C TRP A 132 12.33 -20.70 9.80
N ALA A 133 13.60 -21.03 9.91
CA ALA A 133 14.57 -20.72 8.87
C ALA A 133 14.14 -21.18 7.46
N THR A 134 13.67 -22.42 7.36
CA THR A 134 13.20 -22.99 6.10
C THR A 134 11.83 -22.47 5.72
N ALA A 135 10.91 -22.46 6.67
CA ALA A 135 9.57 -21.94 6.46
C ALA A 135 9.61 -20.52 5.88
N SER A 136 10.34 -19.63 6.56
CA SER A 136 10.41 -18.22 6.15
C SER A 136 11.04 -18.09 4.76
N ARG A 137 12.06 -18.91 4.48
CA ARG A 137 12.69 -18.93 3.17
C ARG A 137 11.70 -19.40 2.09
N GLN A 138 10.93 -20.45 2.39
CA GLN A 138 9.85 -20.89 1.50
C GLN A 138 8.80 -19.81 1.20
N ILE A 139 8.26 -19.19 2.25
CA ILE A 139 7.27 -18.11 2.10
C ILE A 139 7.86 -16.96 1.29
N ASN A 140 9.09 -16.58 1.63
CA ASN A 140 9.83 -15.57 0.89
C ASN A 140 9.94 -15.91 -0.60
N SER A 141 10.28 -17.15 -0.91
CA SER A 141 10.34 -17.61 -2.29
C SER A 141 9.01 -17.46 -3.02
N TYR A 142 7.93 -17.71 -2.29
CA TYR A 142 6.60 -17.62 -2.85
C TYR A 142 6.30 -16.17 -3.23
N VAL A 143 6.60 -15.23 -2.32
CA VAL A 143 6.27 -13.82 -2.51
C VAL A 143 7.11 -13.21 -3.62
N LYS A 144 8.36 -13.63 -3.69
CA LYS A 144 9.30 -13.22 -4.72
C LYS A 144 8.81 -13.63 -6.12
N ASN A 145 8.35 -14.86 -6.28
CA ASN A 145 7.77 -15.28 -7.55
C ASN A 145 6.52 -14.49 -7.91
N LYS A 146 5.60 -14.35 -6.94
CA LYS A 146 4.31 -13.74 -7.20
C LYS A 146 4.45 -12.27 -7.57
N THR A 147 5.54 -11.64 -7.11
CA THR A 147 5.82 -10.22 -7.37
C THR A 147 6.91 -10.06 -8.42
N GLN A 148 7.10 -11.12 -9.20
CA GLN A 148 8.09 -11.18 -10.27
C GLN A 148 9.47 -10.68 -9.85
N GLY A 149 9.90 -11.11 -8.68
CA GLY A 149 11.23 -10.77 -8.16
C GLY A 149 11.35 -9.45 -7.41
N LYS A 150 10.26 -8.67 -7.35
CA LYS A 150 10.34 -7.36 -6.75
C LYS A 150 10.39 -7.36 -5.23
N ILE A 151 9.57 -8.18 -4.57
CA ILE A 151 9.62 -8.28 -3.11
C ILE A 151 10.38 -9.53 -2.67
N VAL A 152 11.61 -9.32 -2.20
CA VAL A 152 12.40 -10.38 -1.61
C VAL A 152 12.48 -10.20 -0.09
N ASP A 153 12.76 -11.30 0.62
CA ASP A 153 13.05 -11.28 2.05
C ASP A 153 11.96 -10.60 2.90
N LEU A 154 10.70 -10.80 2.51
CA LEU A 154 9.57 -10.24 3.28
C LEU A 154 9.70 -10.58 4.76
N PHE A 155 9.90 -11.86 5.06
CA PHE A 155 10.12 -12.31 6.44
C PHE A 155 11.60 -12.50 6.73
N SER A 156 11.99 -12.17 7.96
CA SER A 156 13.33 -12.46 8.44
C SER A 156 13.33 -13.79 9.14
N GLY A 157 14.53 -14.31 9.41
CA GLY A 157 14.71 -15.46 10.30
C GLY A 157 14.82 -14.94 11.72
N LEU A 158 15.08 -13.65 11.85
CA LEU A 158 15.12 -12.95 13.12
C LEU A 158 13.76 -13.00 13.80
N ASP A 159 12.70 -12.93 12.98
CA ASP A 159 11.31 -12.96 13.46
C ASP A 159 11.03 -14.12 14.42
N SER A 160 9.98 -13.94 15.23
CA SER A 160 9.51 -14.92 16.18
C SER A 160 9.09 -16.19 15.43
N PRO A 161 8.62 -17.23 16.14
CA PRO A 161 8.12 -18.34 15.37
C PRO A 161 6.75 -17.98 14.81
N ALA A 162 6.08 -18.94 14.18
CA ALA A 162 4.69 -18.78 13.75
C ALA A 162 4.07 -20.16 13.64
N ILE A 163 2.75 -20.22 13.64
CA ILE A 163 2.01 -21.47 13.43
C ILE A 163 1.17 -21.34 12.16
N LEU A 164 1.01 -20.10 11.72
CA LEU A 164 0.12 -19.73 10.64
C LEU A 164 0.55 -18.36 10.15
N VAL A 165 0.66 -18.20 8.85
CA VAL A 165 1.02 -16.94 8.24
C VAL A 165 0.08 -16.64 7.09
N LEU A 166 -0.39 -15.41 7.06
CA LEU A 166 -1.29 -14.94 6.05
C LEU A 166 -0.52 -13.93 5.21
N VAL A 167 -0.66 -14.02 3.90
CA VAL A 167 0.08 -13.14 3.01
C VAL A 167 -0.82 -12.59 1.92
N ASN A 168 -0.71 -11.29 1.68
CA ASN A 168 -1.21 -10.67 0.44
C ASN A 168 -0.04 -10.15 -0.41
N TYR A 169 -0.15 -10.24 -1.73
CA TYR A 169 0.84 -9.60 -2.60
C TYR A 169 0.16 -8.79 -3.68
N ILE A 170 0.82 -7.72 -4.11
CA ILE A 170 0.34 -6.92 -5.24
C ILE A 170 1.51 -6.59 -6.15
N PHE A 171 1.25 -6.60 -7.45
CA PHE A 171 2.23 -6.20 -8.44
C PHE A 171 1.56 -5.34 -9.51
N PHE A 172 2.23 -4.25 -9.88
CA PHE A 172 1.69 -3.29 -10.83
C PHE A 172 2.75 -2.69 -11.77
N LYS A 173 2.46 -2.76 -13.06
CA LYS A 173 3.32 -2.22 -14.09
C LYS A 173 2.49 -1.24 -14.90
N GLY A 174 2.78 0.05 -14.78
CA GLY A 174 2.07 1.07 -15.54
C GLY A 174 2.93 1.74 -16.60
N THR A 175 2.33 2.01 -17.76
CA THR A 175 3.00 2.73 -18.82
C THR A 175 2.39 4.13 -18.93
N TRP A 176 3.21 5.16 -18.71
CA TRP A 176 2.76 6.52 -18.96
C TRP A 176 2.06 6.60 -20.31
N THR A 177 0.87 7.22 -20.33
CA THR A 177 0.29 7.66 -21.59
C THR A 177 1.21 8.68 -22.25
N GLN A 178 1.98 9.39 -21.44
CA GLN A 178 2.89 10.43 -21.92
C GLN A 178 4.30 10.19 -21.40
N PRO A 179 5.13 9.45 -22.16
CA PRO A 179 6.41 9.08 -21.57
C PRO A 179 7.35 10.28 -21.50
N PHE A 180 8.34 10.20 -20.63
CA PHE A 180 9.38 11.22 -20.57
C PHE A 180 10.39 11.00 -21.69
N ASP A 181 11.11 12.06 -22.03
CA ASP A 181 12.09 12.03 -23.12
C ASP A 181 13.44 11.48 -22.66
N LEU A 182 13.78 10.28 -23.10
CA LEU A 182 15.03 9.63 -22.71
C LEU A 182 16.30 10.44 -23.00
N ALA A 183 16.27 11.22 -24.06
CA ALA A 183 17.40 12.08 -24.43
C ALA A 183 17.54 13.29 -23.50
N SER A 184 16.46 13.66 -22.82
CA SER A 184 16.48 14.81 -21.93
C SER A 184 16.90 14.51 -20.49
N THR A 185 17.00 13.24 -20.13
CA THR A 185 17.31 12.86 -18.74
C THR A 185 18.74 13.20 -18.38
N ARG A 186 18.92 13.82 -17.22
CA ARG A 186 20.27 14.21 -16.78
C ARG A 186 20.35 14.38 -15.27
N GLU A 187 21.58 14.43 -14.76
CA GLU A 187 21.86 14.73 -13.36
C GLU A 187 21.39 16.14 -12.99
N GLU A 188 20.64 16.24 -11.90
CA GLU A 188 20.26 17.53 -11.32
C GLU A 188 20.27 17.48 -9.79
N ASN A 189 20.30 18.64 -9.17
CA ASN A 189 20.25 18.73 -7.72
C ASN A 189 18.89 18.35 -7.13
N PHE A 190 18.91 17.48 -6.13
CA PHE A 190 17.71 17.23 -5.36
C PHE A 190 17.93 17.72 -3.94
N TYR A 191 17.17 18.73 -3.56
CA TYR A 191 17.28 19.35 -2.25
C TYR A 191 16.48 18.56 -1.23
N VAL A 192 17.17 17.70 -0.47
CA VAL A 192 16.51 16.88 0.56
C VAL A 192 15.97 17.81 1.66
N ASP A 193 16.82 18.70 2.15
CA ASP A 193 16.39 19.80 3.00
C ASP A 193 17.32 21.00 2.81
N GLU A 194 17.15 22.03 3.63
CA GLU A 194 17.94 23.27 3.53
C GLU A 194 19.45 23.02 3.34
N THR A 195 19.94 21.97 4.00
CA THR A 195 21.38 21.72 4.12
C THR A 195 21.88 20.52 3.31
N THR A 196 20.97 19.62 2.96
CA THR A 196 21.29 18.36 2.27
C THR A 196 20.84 18.38 0.79
N VAL A 197 21.80 18.17 -0.12
CA VAL A 197 21.54 18.18 -1.57
C VAL A 197 22.17 16.95 -2.22
N VAL A 198 21.40 16.24 -3.02
CA VAL A 198 21.94 15.06 -3.72
C VAL A 198 21.79 15.16 -5.24
N LYS A 199 22.54 14.31 -5.93
CA LYS A 199 22.49 14.23 -7.37
C LYS A 199 21.56 13.09 -7.76
N VAL A 200 20.64 13.36 -8.68
CA VAL A 200 19.61 12.39 -9.08
C VAL A 200 19.35 12.46 -10.61
N PRO A 201 19.09 11.30 -11.25
CA PRO A 201 18.63 11.37 -12.64
C PRO A 201 17.25 12.04 -12.72
N MET A 202 17.19 13.18 -13.38
CA MET A 202 15.98 13.98 -13.46
C MET A 202 15.37 13.88 -14.86
N MET A 203 14.13 13.39 -14.94
CA MET A 203 13.43 13.26 -16.20
C MET A 203 12.75 14.54 -16.59
N LEU A 204 12.63 14.76 -17.90
CA LEU A 204 11.89 15.90 -18.45
C LEU A 204 10.89 15.47 -19.50
N GLN A 205 9.74 16.14 -19.51
CA GLN A 205 8.88 16.22 -20.69
C GLN A 205 8.25 17.62 -20.80
N SER A 206 8.06 18.09 -22.03
CA SER A 206 7.31 19.33 -22.28
C SER A 206 6.06 18.98 -23.03
N SER A 207 4.91 19.07 -22.36
CA SER A 207 3.67 18.64 -22.98
C SER A 207 2.43 19.17 -22.27
N THR A 208 1.27 18.74 -22.74
CA THR A 208 0.03 19.12 -22.11
C THR A 208 -0.17 18.19 -20.92
N ILE A 209 -0.22 18.78 -19.74
CA ILE A 209 -0.33 18.04 -18.49
C ILE A 209 -1.37 18.65 -17.56
N SER A 210 -2.11 17.80 -16.84
CA SER A 210 -3.07 18.27 -15.82
C SER A 210 -2.35 18.85 -14.61
N TYR A 211 -2.50 20.16 -14.43
CA TYR A 211 -1.73 20.90 -13.45
C TYR A 211 -2.63 21.74 -12.58
N LEU A 212 -2.22 21.92 -11.32
CA LEU A 212 -2.90 22.82 -10.42
C LEU A 212 -1.91 23.40 -9.43
N HIS A 213 -1.84 24.74 -9.41
CA HIS A 213 -1.21 25.45 -8.31
C HIS A 213 -2.31 25.67 -7.28
N ASP A 214 -2.29 24.90 -6.20
CA ASP A 214 -3.34 24.96 -5.17
C ASP A 214 -3.38 26.34 -4.48
N SER A 215 -4.57 26.92 -4.41
CA SER A 215 -4.76 28.19 -3.69
C SER A 215 -5.11 27.98 -2.22
N GLU A 216 -5.57 26.79 -1.85
CA GLU A 216 -5.98 26.49 -0.48
C GLU A 216 -4.91 25.83 0.39
N LEU A 217 -3.86 25.35 -0.25
CA LEU A 217 -2.78 24.60 0.41
C LEU A 217 -1.46 24.96 -0.25
N PRO A 218 -0.36 24.95 0.53
CA PRO A 218 0.94 25.35 -0.03
C PRO A 218 1.55 24.24 -0.91
N CYS A 219 0.97 24.03 -2.09
CA CYS A 219 1.47 23.01 -3.01
C CYS A 219 1.04 23.18 -4.46
N GLN A 220 1.80 22.58 -5.36
CA GLN A 220 1.38 22.41 -6.73
C GLN A 220 1.28 20.92 -6.96
N LEU A 221 0.52 20.53 -7.96
CA LEU A 221 0.37 19.13 -8.29
C LEU A 221 0.11 18.91 -9.77
N VAL A 222 0.51 17.73 -10.23
CA VAL A 222 0.07 17.25 -11.53
C VAL A 222 -0.59 15.89 -11.40
N GLN A 223 -1.42 15.56 -12.39
CA GLN A 223 -2.00 14.25 -12.48
C GLN A 223 -1.61 13.61 -13.81
N MET A 224 -1.27 12.32 -13.77
CA MET A 224 -0.87 11.59 -14.98
C MET A 224 -1.46 10.20 -15.06
N ASN A 225 -1.85 9.81 -16.27
CA ASN A 225 -2.43 8.51 -16.47
C ASN A 225 -1.42 7.46 -16.90
N TYR A 226 -1.78 6.21 -16.66
CA TYR A 226 -1.13 5.06 -17.26
C TYR A 226 -2.06 4.57 -18.33
N VAL A 227 -1.51 3.82 -19.29
CA VAL A 227 -2.32 3.14 -20.27
C VAL A 227 -3.22 2.20 -19.45
N GLY A 228 -4.50 2.15 -19.77
CA GLY A 228 -5.46 1.42 -18.95
C GLY A 228 -6.03 2.33 -17.88
N ASN A 229 -6.24 1.80 -16.66
CA ASN A 229 -7.05 2.50 -15.65
C ASN A 229 -6.26 3.26 -14.59
N GLY A 230 -4.98 2.92 -14.44
CA GLY A 230 -4.11 3.57 -13.47
C GLY A 230 -3.95 5.08 -13.68
N THR A 231 -3.89 5.81 -12.57
CA THR A 231 -3.61 7.24 -12.60
C THR A 231 -2.75 7.62 -11.39
N VAL A 232 -2.02 8.72 -11.49
CA VAL A 232 -1.10 9.08 -10.42
C VAL A 232 -1.10 10.59 -10.18
N PHE A 233 -1.10 10.95 -8.90
CA PHE A 233 -0.94 12.32 -8.48
C PHE A 233 0.48 12.52 -7.97
N PHE A 234 1.17 13.50 -8.52
CA PHE A 234 2.45 13.95 -7.96
C PHE A 234 2.17 15.31 -7.33
N ILE A 235 2.49 15.43 -6.04
CA ILE A 235 2.21 16.64 -5.26
C ILE A 235 3.52 17.21 -4.72
N LEU A 236 3.82 18.45 -5.11
CA LEU A 236 5.02 19.13 -4.64
C LEU A 236 4.67 20.19 -3.58
N PRO A 237 4.81 19.85 -2.29
CA PRO A 237 4.57 20.89 -1.30
C PRO A 237 5.72 21.89 -1.33
N ASP A 238 5.40 23.12 -0.95
CA ASP A 238 6.36 24.20 -0.88
C ASP A 238 7.47 23.83 0.11
N LYS A 239 8.61 24.50 -0.01
CA LYS A 239 9.72 24.28 0.93
C LYS A 239 9.17 24.15 2.36
N GLY A 240 9.51 23.05 3.02
CA GLY A 240 9.18 22.82 4.43
C GLY A 240 7.71 22.63 4.80
N LYS A 241 6.85 22.42 3.80
CA LYS A 241 5.41 22.39 4.03
C LYS A 241 4.80 21.00 3.88
N MET A 242 5.65 19.99 3.79
CA MET A 242 5.24 18.61 3.57
C MET A 242 4.15 18.14 4.56
N ASN A 243 4.41 18.29 5.85
CA ASN A 243 3.45 17.87 6.87
C ASN A 243 2.10 18.61 6.82
N THR A 244 2.11 19.88 6.42
CA THR A 244 0.87 20.64 6.24
C THR A 244 0.02 19.99 5.16
N VAL A 245 0.61 19.76 4.00
CA VAL A 245 -0.06 19.11 2.88
C VAL A 245 -0.53 17.70 3.27
N ILE A 246 0.33 16.92 3.91
CA ILE A 246 -0.05 15.58 4.33
C ILE A 246 -1.28 15.57 5.25
N ALA A 247 -1.34 16.51 6.17
CA ALA A 247 -2.47 16.59 7.10
C ALA A 247 -3.82 16.82 6.40
N ALA A 248 -3.75 17.44 5.22
CA ALA A 248 -4.95 17.78 4.46
C ALA A 248 -5.38 16.67 3.52
N LEU A 249 -4.53 15.65 3.34
CA LEU A 249 -4.86 14.52 2.47
C LEU A 249 -6.16 13.86 2.91
N SER A 250 -7.09 13.72 1.98
CA SER A 250 -8.42 13.14 2.24
C SER A 250 -9.08 12.91 0.89
N ARG A 251 -10.19 12.17 0.87
CA ARG A 251 -10.97 12.01 -0.33
C ARG A 251 -11.47 13.35 -0.84
N ASP A 252 -11.88 14.20 0.11
CA ASP A 252 -12.40 15.52 -0.16
C ASP A 252 -11.38 16.41 -0.87
N THR A 253 -10.16 16.45 -0.34
CA THR A 253 -9.06 17.15 -0.95
C THR A 253 -8.81 16.61 -2.37
N ILE A 254 -8.77 15.30 -2.55
CA ILE A 254 -8.58 14.78 -3.90
C ILE A 254 -9.70 15.22 -4.82
N ASN A 255 -10.92 15.26 -4.31
CA ASN A 255 -12.04 15.74 -5.12
C ASN A 255 -11.87 17.20 -5.53
N ARG A 256 -11.37 18.03 -4.60
CA ARG A 256 -11.18 19.46 -4.87
C ARG A 256 -10.04 19.65 -5.87
N TRP A 257 -8.96 18.90 -5.69
CA TRP A 257 -7.86 18.87 -6.63
C TRP A 257 -8.33 18.45 -8.03
N SER A 258 -9.10 17.38 -8.08
CA SER A 258 -9.63 16.85 -9.33
C SER A 258 -10.49 17.90 -10.06
N ALA A 259 -11.26 18.70 -9.33
CA ALA A 259 -12.02 19.78 -9.95
C ALA A 259 -11.14 20.97 -10.40
N GLY A 260 -10.01 21.20 -9.73
CA GLY A 260 -9.14 22.32 -10.03
C GLY A 260 -8.13 22.10 -11.14
N LEU A 261 -7.74 20.84 -11.37
CA LEU A 261 -6.72 20.47 -12.39
C LEU A 261 -7.07 20.87 -13.83
N THR A 262 -6.16 21.59 -14.48
CA THR A 262 -6.37 22.14 -15.81
C THR A 262 -5.22 21.72 -16.72
N SER A 263 -5.57 21.28 -17.93
CA SER A 263 -4.60 21.00 -18.99
C SER A 263 -3.76 22.24 -19.22
N SER A 264 -2.45 22.11 -19.08
CA SER A 264 -1.55 23.25 -19.22
C SER A 264 -0.21 22.84 -19.84
N GLN A 265 0.44 23.78 -20.52
CA GLN A 265 1.82 23.58 -20.98
C GLN A 265 2.75 23.65 -19.79
N VAL A 266 3.44 22.53 -19.55
CA VAL A 266 4.29 22.38 -18.39
C VAL A 266 5.60 21.74 -18.84
N ASP A 267 6.72 22.38 -18.46
CA ASP A 267 8.02 21.71 -18.46
C ASP A 267 8.10 20.89 -17.19
N LEU A 268 7.92 19.59 -17.31
CA LEU A 268 7.80 18.72 -16.16
C LEU A 268 9.06 17.93 -15.88
N TYR A 269 9.70 18.28 -14.77
CA TYR A 269 10.91 17.62 -14.29
C TYR A 269 10.56 16.77 -13.10
N ILE A 270 10.78 15.46 -13.23
CA ILE A 270 10.48 14.51 -12.16
C ILE A 270 11.65 13.54 -12.10
N PRO A 271 12.23 13.33 -10.90
CA PRO A 271 13.39 12.44 -10.84
C PRO A 271 13.00 10.99 -11.14
N LYS A 272 13.97 10.19 -11.58
CA LYS A 272 13.81 8.76 -11.51
C LYS A 272 13.80 8.39 -10.04
N VAL A 273 12.85 7.56 -9.64
CA VAL A 273 12.71 7.16 -8.24
C VAL A 273 12.86 5.65 -8.13
N THR A 274 13.70 5.23 -7.19
CA THR A 274 13.77 3.84 -6.80
C THR A 274 13.85 3.85 -5.29
N ILE A 275 12.72 3.47 -4.66
CA ILE A 275 12.60 3.45 -3.21
C ILE A 275 11.87 2.20 -2.78
N SER A 276 12.04 1.84 -1.51
CA SER A 276 11.38 0.64 -0.97
C SER A 276 11.20 0.73 0.53
N GLY A 277 9.97 0.52 0.99
CA GLY A 277 9.66 0.52 2.40
C GLY A 277 9.57 -0.88 3.00
N VAL A 278 10.01 -1.01 4.25
CA VAL A 278 9.93 -2.25 5.01
C VAL A 278 9.33 -1.80 6.35
N TYR A 279 8.16 -2.30 6.70
CA TYR A 279 7.50 -1.86 7.94
C TYR A 279 7.08 -3.01 8.83
N ASP A 280 7.18 -2.80 10.13
CA ASP A 280 6.46 -3.59 11.13
C ASP A 280 5.33 -2.68 11.57
N LEU A 281 4.12 -3.03 11.16
CA LEU A 281 2.98 -2.13 11.28
C LEU A 281 2.23 -2.26 12.60
N GLY A 282 2.67 -3.18 13.47
CA GLY A 282 2.09 -3.39 14.79
C GLY A 282 1.78 -2.10 15.52
N ASP A 283 2.81 -1.32 15.83
CA ASP A 283 2.65 -0.07 16.58
C ASP A 283 1.63 0.86 15.95
N VAL A 284 1.79 1.11 14.64
CA VAL A 284 0.89 2.00 13.89
C VAL A 284 -0.56 1.53 13.91
N LEU A 285 -0.79 0.22 13.74
CA LEU A 285 -2.13 -0.34 13.73
C LEU A 285 -2.82 -0.17 15.09
N GLU A 286 -2.02 -0.25 16.15
CA GLU A 286 -2.50 0.02 17.51
C GLU A 286 -2.87 1.48 17.72
N GLU A 287 -2.09 2.40 17.13
CA GLU A 287 -2.45 3.82 17.14
C GLU A 287 -3.75 4.07 16.41
N MET A 288 -4.06 3.20 15.45
CA MET A 288 -5.27 3.34 14.65
C MET A 288 -6.46 2.61 15.29
N GLY A 289 -6.25 2.11 16.51
CA GLY A 289 -7.32 1.42 17.25
C GLY A 289 -7.26 -0.10 17.21
N ILE A 290 -6.50 -0.67 16.28
CA ILE A 290 -6.43 -2.12 16.10
C ILE A 290 -5.43 -2.74 17.10
N ALA A 291 -5.94 -3.13 18.28
CA ALA A 291 -5.08 -3.51 19.39
C ALA A 291 -5.24 -4.94 19.95
N ASP A 292 -6.49 -5.41 20.09
CA ASP A 292 -6.75 -6.70 20.76
C ASP A 292 -6.17 -7.88 20.01
N LEU A 293 -6.08 -7.71 18.70
CA LEU A 293 -5.47 -8.65 17.78
C LEU A 293 -4.06 -9.09 18.19
N PHE A 294 -3.28 -8.15 18.74
CA PHE A 294 -1.90 -8.44 19.16
C PHE A 294 -1.73 -8.91 20.61
N THR A 295 -2.85 -9.05 21.33
CA THR A 295 -2.80 -9.44 22.75
C THR A 295 -3.28 -10.87 22.98
N ASN A 296 -3.11 -11.36 24.20
CA ASN A 296 -3.62 -12.67 24.59
C ASN A 296 -5.14 -12.71 24.64
N GLN A 297 -5.77 -11.54 24.63
CA GLN A 297 -7.22 -11.45 24.59
C GLN A 297 -7.79 -11.53 23.18
N ALA A 298 -6.93 -11.78 22.19
CA ALA A 298 -7.38 -11.85 20.80
C ALA A 298 -8.34 -12.99 20.60
N ASN A 299 -9.44 -12.70 19.92
CA ASN A 299 -10.43 -13.72 19.62
C ASN A 299 -10.29 -14.23 18.17
N PHE A 300 -9.55 -15.32 18.00
CA PHE A 300 -9.38 -15.93 16.68
C PHE A 300 -10.14 -17.24 16.56
N SER A 301 -11.28 -17.29 17.24
CA SER A 301 -11.97 -18.54 17.42
C SER A 301 -12.78 -19.01 16.20
N ARG A 302 -12.69 -18.27 15.10
CA ARG A 302 -13.22 -18.78 13.83
C ARG A 302 -12.18 -19.52 12.98
N ILE A 303 -10.91 -19.52 13.40
CA ILE A 303 -9.83 -20.19 12.66
C ILE A 303 -9.73 -21.70 12.94
N THR A 304 -9.56 -22.07 14.20
CA THR A 304 -9.57 -23.46 14.67
C THR A 304 -10.36 -23.59 15.97
N GLN A 305 -10.68 -24.83 16.31
CA GLN A 305 -11.59 -25.15 17.40
C GLN A 305 -10.99 -24.93 18.81
N ASP A 306 -9.76 -25.42 19.01
CA ASP A 306 -9.20 -25.61 20.35
C ASP A 306 -7.75 -25.12 20.45
N ALA A 307 -7.45 -24.02 19.77
CA ALA A 307 -6.15 -23.38 19.94
C ALA A 307 -6.38 -21.90 20.13
N GLN A 308 -5.60 -21.28 21.01
CA GLN A 308 -5.74 -19.85 21.26
C GLN A 308 -4.65 -19.12 20.48
N LEU A 309 -5.06 -18.30 19.52
CA LEU A 309 -4.11 -17.64 18.65
C LEU A 309 -4.05 -16.14 18.88
N LYS A 310 -2.88 -15.55 18.66
CA LYS A 310 -2.79 -14.09 18.53
C LYS A 310 -1.85 -13.75 17.40
N SER A 311 -1.92 -12.51 16.95
CA SER A 311 -1.02 -12.00 15.93
C SER A 311 0.25 -11.51 16.60
N SER A 312 1.39 -11.87 16.02
CA SER A 312 2.69 -11.45 16.52
C SER A 312 3.22 -10.30 15.68
N LYS A 313 2.87 -10.30 14.41
CA LYS A 313 3.49 -9.41 13.46
C LYS A 313 2.58 -9.12 12.28
N VAL A 314 2.59 -7.86 11.86
CA VAL A 314 2.07 -7.50 10.56
C VAL A 314 3.24 -6.81 9.87
N VAL A 315 3.75 -7.43 8.82
CA VAL A 315 4.82 -6.81 8.06
C VAL A 315 4.36 -6.34 6.69
N HIS A 316 4.99 -5.29 6.21
CA HIS A 316 4.66 -4.77 4.89
C HIS A 316 5.94 -4.38 4.19
N LYS A 317 6.06 -4.84 2.94
CA LYS A 317 7.13 -4.41 2.07
C LYS A 317 6.57 -3.92 0.73
N ALA A 318 7.08 -2.78 0.25
CA ALA A 318 6.67 -2.21 -1.02
C ALA A 318 7.88 -1.64 -1.74
N VAL A 319 7.90 -1.77 -3.07
CA VAL A 319 9.00 -1.23 -3.88
C VAL A 319 8.46 -0.44 -5.07
N LEU A 320 9.13 0.65 -5.38
CA LEU A 320 8.73 1.51 -6.48
C LEU A 320 9.92 1.73 -7.37
N GLN A 321 9.76 1.42 -8.65
CA GLN A 321 10.75 1.78 -9.67
C GLN A 321 10.03 2.70 -10.68
N LEU A 322 10.47 3.95 -10.71
CA LEU A 322 9.88 4.97 -11.57
C LEU A 322 10.88 5.47 -12.62
N ASN A 323 10.54 5.32 -13.90
CA ASN A 323 11.39 5.82 -14.99
C ASN A 323 10.61 6.45 -16.14
N GLU A 324 11.28 6.61 -17.29
CA GLU A 324 10.75 7.38 -18.42
C GLU A 324 9.56 6.73 -19.09
N GLU A 325 9.46 5.40 -18.96
CA GLU A 325 8.40 4.56 -19.57
C GLU A 325 7.21 4.38 -18.64
N GLY A 326 7.46 4.38 -17.35
CA GLY A 326 6.39 4.23 -16.39
C GLY A 326 6.84 3.79 -15.03
N VAL A 327 6.04 2.92 -14.44
CA VAL A 327 6.20 2.53 -13.06
C VAL A 327 6.15 1.02 -12.91
N ASP A 328 7.13 0.49 -12.19
CA ASP A 328 7.18 -0.92 -11.81
C ASP A 328 7.10 -0.97 -10.28
N THR A 329 5.97 -1.45 -9.74
CA THR A 329 5.76 -1.48 -8.29
C THR A 329 5.21 -2.79 -7.79
N ALA A 330 5.58 -3.12 -6.57
CA ALA A 330 5.05 -4.30 -5.90
C ALA A 330 4.88 -4.04 -4.41
N GLY A 331 4.00 -4.82 -3.79
CA GLY A 331 3.77 -4.74 -2.37
C GLY A 331 3.36 -6.08 -1.82
N SER A 332 3.58 -6.26 -0.52
CA SER A 332 3.22 -7.52 0.13
C SER A 332 3.05 -7.31 1.63
N THR A 333 1.99 -7.89 2.18
CA THR A 333 1.67 -7.78 3.59
C THR A 333 1.61 -9.17 4.21
N GLY A 334 2.38 -9.38 5.27
CA GLY A 334 2.34 -10.64 6.00
C GLY A 334 1.82 -10.48 7.42
N VAL A 335 0.99 -11.43 7.86
CA VAL A 335 0.56 -11.48 9.24
C VAL A 335 0.94 -12.84 9.81
N THR A 336 1.77 -12.86 10.85
CA THR A 336 2.06 -14.09 11.54
C THR A 336 1.13 -14.25 12.73
N LEU A 337 0.69 -15.49 12.95
CA LEU A 337 -0.04 -15.84 14.15
C LEU A 337 0.70 -16.96 14.86
N ASN A 338 0.73 -16.91 16.19
CA ASN A 338 1.16 -18.07 16.99
C ASN A 338 0.30 -18.31 18.21
N LEU A 339 0.51 -19.46 18.83
CA LEU A 339 -0.18 -19.83 20.04
C LEU A 339 0.19 -18.84 21.15
N THR A 340 -0.83 -18.28 21.82
CA THR A 340 -0.63 -17.34 22.91
C THR A 340 0.10 -18.00 24.10
N LYS B 2 3.55 30.91 -22.36
CA LYS B 2 4.79 30.54 -21.70
C LYS B 2 4.58 29.37 -20.74
N PRO B 3 5.25 28.24 -21.03
CA PRO B 3 5.10 27.00 -20.25
C PRO B 3 5.41 27.16 -18.77
N ILE B 4 4.65 26.47 -17.94
CA ILE B 4 4.89 26.41 -16.50
C ILE B 4 6.08 25.48 -16.28
N ILE B 5 7.07 25.96 -15.52
CA ILE B 5 8.21 25.12 -15.16
C ILE B 5 7.99 24.49 -13.79
N LEU B 6 7.87 23.16 -13.76
CA LEU B 6 7.64 22.45 -12.51
C LEU B 6 8.73 21.42 -12.22
N ARG B 7 9.57 21.72 -11.23
CA ARG B 7 10.68 20.85 -10.87
CA ARG B 7 10.69 20.84 -10.87
C ARG B 7 10.43 20.10 -9.57
N PHE B 8 10.34 18.77 -9.66
CA PHE B 8 10.21 17.95 -8.46
C PHE B 8 11.61 17.67 -7.89
N ASN B 9 12.29 18.74 -7.47
CA ASN B 9 13.64 18.63 -6.89
C ASN B 9 13.66 18.85 -5.37
N GLN B 10 12.52 18.64 -4.73
CA GLN B 10 12.40 18.70 -3.27
C GLN B 10 11.38 17.66 -2.83
N PRO B 11 11.33 17.33 -1.52
CA PRO B 11 10.43 16.26 -1.08
C PRO B 11 9.02 16.37 -1.64
N PHE B 12 8.46 15.24 -2.08
CA PHE B 12 7.16 15.22 -2.75
C PHE B 12 6.37 13.94 -2.47
N ILE B 13 5.12 13.92 -2.88
CA ILE B 13 4.16 12.87 -2.56
C ILE B 13 3.70 12.23 -3.86
N ILE B 14 3.71 10.89 -3.92
CA ILE B 14 3.12 10.15 -5.02
C ILE B 14 1.90 9.36 -4.53
N MET B 15 0.79 9.47 -5.27
CA MET B 15 -0.41 8.70 -4.95
C MET B 15 -0.86 7.97 -6.21
N ILE B 16 -0.89 6.65 -6.14
CA ILE B 16 -1.33 5.86 -7.29
C ILE B 16 -2.70 5.24 -7.03
N PHE B 17 -3.63 5.55 -7.94
CA PHE B 17 -5.01 5.08 -7.84
C PHE B 17 -5.43 4.28 -9.07
N ASP B 18 -6.32 3.31 -8.82
CA ASP B 18 -7.09 2.69 -9.88
C ASP B 18 -8.34 3.53 -10.12
N HIS B 19 -8.36 4.23 -11.25
CA HIS B 19 -9.51 5.04 -11.70
C HIS B 19 -10.82 4.23 -11.71
N PHE B 20 -10.72 2.92 -11.95
CA PHE B 20 -11.93 2.09 -12.03
C PHE B 20 -12.58 1.83 -10.66
N THR B 21 -11.82 1.29 -9.73
CA THR B 21 -12.35 1.05 -8.37
C THR B 21 -12.09 2.18 -7.38
N TRP B 22 -11.22 3.10 -7.75
CA TRP B 22 -10.76 4.18 -6.85
C TRP B 22 -9.86 3.70 -5.72
N SER B 23 -9.30 2.49 -5.85
CA SER B 23 -8.39 1.94 -4.85
C SER B 23 -7.14 2.80 -4.71
N SER B 24 -6.66 2.92 -3.48
CA SER B 24 -5.35 3.47 -3.25
C SER B 24 -4.37 2.31 -3.42
N LEU B 25 -3.68 2.28 -4.55
CA LEU B 25 -2.74 1.20 -4.86
C LEU B 25 -1.39 1.41 -4.19
N PHE B 26 -0.90 2.64 -4.20
CA PHE B 26 0.41 2.97 -3.64
C PHE B 26 0.45 4.40 -3.12
N LEU B 27 1.12 4.59 -1.99
CA LEU B 27 1.31 5.92 -1.44
C LEU B 27 2.78 6.09 -1.09
N ALA B 28 3.35 7.20 -1.53
CA ALA B 28 4.74 7.50 -1.30
C ALA B 28 4.94 8.86 -0.63
N ARG B 29 5.91 8.90 0.28
CA ARG B 29 6.55 10.16 0.64
C ARG B 29 8.01 10.06 0.19
N VAL B 30 8.32 10.77 -0.89
CA VAL B 30 9.68 10.74 -1.43
C VAL B 30 10.49 11.87 -0.80
N MET B 31 11.30 11.52 0.19
CA MET B 31 12.24 12.48 0.78
C MET B 31 13.56 12.49 0.02
N ASN B 32 13.92 11.33 -0.54
CA ASN B 32 15.21 11.15 -1.21
C ASN B 32 15.07 10.05 -2.25
N PRO B 33 15.02 10.42 -3.54
CA PRO B 33 14.61 9.47 -4.59
C PRO B 33 15.68 8.44 -5.00
N VAL B 34 16.90 8.67 -4.54
CA VAL B 34 18.00 7.74 -4.82
C VAL B 34 18.57 7.28 -3.48
C1 EDO C . -20.30 -10.90 18.13
O1 EDO C . -19.39 -11.98 17.86
C2 EDO C . -19.90 -10.21 19.44
O2 EDO C . -19.65 -8.81 19.21
C1 EDO D . -16.58 19.24 1.34
O1 EDO D . -15.36 19.61 2.03
C2 EDO D . -16.88 17.75 1.51
O2 EDO D . -18.29 17.50 1.49
C1 EDO E . -19.28 10.21 2.97
O1 EDO E . -18.46 11.29 2.51
C2 EDO E . -18.40 9.10 3.53
O2 EDO E . -18.88 7.83 3.05
C1 EDO F . -8.76 -17.39 20.44
O1 EDO F . -7.56 -16.94 19.79
C2 EDO F . -9.22 -18.69 19.78
O2 EDO F . -10.14 -19.41 20.62
C1 EDO G . -4.78 10.50 -21.46
O1 EDO G . -5.26 9.29 -20.86
C2 EDO G . -3.70 11.10 -20.57
O2 EDO G . -3.26 12.33 -21.15
N CYS H . -18.93 -17.80 14.77
CA CYS H . -18.71 -17.34 16.18
C CYS H . -19.54 -18.15 17.18
O CYS H . -20.46 -17.61 17.81
CB CYS H . -19.00 -15.83 16.33
SG CYS H . -17.75 -14.65 15.73
C1 STR I . -13.77 9.72 -4.76
C2 STR I . -14.31 9.28 -3.39
C3 STR I . -13.67 7.96 -3.02
O3 STR I . -14.28 7.15 -2.34
C4 STR I . -12.28 7.67 -3.44
C5 STR I . -11.61 8.47 -4.26
C6 STR I . -10.15 8.14 -4.53
C7 STR I . -9.89 8.08 -6.04
C8 STR I . -10.41 9.31 -6.77
C9 STR I . -11.90 9.61 -6.44
C10 STR I . -12.25 9.68 -4.93
C11 STR I . -12.43 10.82 -7.24
C12 STR I . -12.17 10.73 -8.75
C13 STR I . -10.71 10.40 -9.07
C14 STR I . -10.27 9.16 -8.28
C15 STR I . -8.95 8.71 -8.89
C16 STR I . -9.17 9.04 -10.38
C17 STR I . -10.47 9.87 -10.48
C18 STR I . -9.83 11.62 -8.78
C19 STR I . -11.66 10.92 -4.25
C20 STR I . -10.47 10.93 -11.55
O20 STR I . -9.40 11.30 -12.04
C21 STR I . -11.77 11.50 -12.03
#